data_3ZTX
#
_entry.id   3ZTX
#
_cell.length_a   45.634
_cell.length_b   66.364
_cell.length_c   116.679
_cell.angle_alpha   90.00
_cell.angle_beta   96.56
_cell.angle_gamma   90.00
#
_symmetry.space_group_name_H-M   'P 1 21 1'
#
loop_
_entity.id
_entity.type
_entity.pdbx_description
1 polymer 'SERINE/THREONINE-PROTEIN KINASE 12-A'
2 polymer 'INNER CENTROMERE PROTEIN A'
3 non-polymer '2-((4-(4-HYDROXYPIPERIDIN-1-YL)PHENYL)AMINO)-5,11-DIMETHYL-5H-BENZO[E]PYRIMIDO [5,4-B][1,4]DIAZEPIN-6(11H)-ONE'
4 water water
#
loop_
_entity_poly.entity_id
_entity_poly.type
_entity_poly.pdbx_seq_one_letter_code
_entity_poly.pdbx_strand_id
1 'polypeptide(L)'
;TALAEMPKRKFTIDDFDIGRPLGKGKFGNVYLAREKQNKFIMALKVLFKSQLEKEGVEHQLRREIEIQSHLRHPNILRMY
NYFHDRKRIYLMLEFAPRGELYKELQKHGRFDEQRSATFMEELADALHYCHERKVIHRDIKPENLLMGYKGELKIADFGW
SVHAPSLRRR(TPO)MCGTLDYLPPEMIEGKTHDEKVDLWCAGVLCYEFLVGMPPFDSPSHTETHRRIVNVDLKFPPFLS
DGSKDLISKLLRYHPPQRLPLKGVMEHPWVKANSRRVLPPVYQSTQSK
;
A,B
2 'polypeptide(L)' PIPAWASGNLLTQAIRQQYYKPIDVDRMYGTIDSPKLEELFNKS C,D
#
# COMPACT_ATOMS: atom_id res chain seq x y z
N LYS A 10 8.82 -1.77 -31.47
CA LYS A 10 8.65 -3.18 -31.91
C LYS A 10 7.65 -3.39 -33.03
N PHE A 11 6.72 -2.45 -33.24
CA PHE A 11 5.72 -2.57 -34.30
C PHE A 11 6.26 -2.13 -35.63
N THR A 12 5.73 -2.70 -36.71
CA THR A 12 6.02 -2.22 -38.09
C THR A 12 4.76 -2.26 -38.92
N ILE A 13 4.81 -1.70 -40.12
CA ILE A 13 3.62 -1.60 -40.96
C ILE A 13 3.06 -2.98 -41.31
N ASP A 14 3.92 -3.98 -41.30
CA ASP A 14 3.45 -5.31 -41.66
C ASP A 14 2.72 -6.01 -40.48
N ASP A 15 2.64 -5.34 -39.31
CA ASP A 15 1.82 -5.84 -38.21
C ASP A 15 0.31 -5.53 -38.43
N PHE A 16 -0.03 -4.87 -39.52
CA PHE A 16 -1.38 -4.36 -39.75
C PHE A 16 -1.92 -4.68 -41.13
N ASP A 17 -3.20 -5.03 -41.22
CA ASP A 17 -3.94 -5.06 -42.48
C ASP A 17 -4.52 -3.67 -42.71
N ILE A 18 -4.28 -3.09 -43.88
CA ILE A 18 -4.80 -1.76 -44.18
C ILE A 18 -6.12 -1.92 -44.86
N GLY A 19 -7.12 -1.21 -44.35
CA GLY A 19 -8.49 -1.41 -44.77
C GLY A 19 -8.92 -0.46 -45.85
N ARG A 20 -8.84 0.84 -45.54
CA ARG A 20 -9.32 1.89 -46.42
C ARG A 20 -8.90 3.25 -45.87
N PRO A 21 -8.79 4.28 -46.74
CA PRO A 21 -8.50 5.62 -46.24
C PRO A 21 -9.65 6.17 -45.39
N LEU A 22 -9.34 6.92 -44.34
CA LEU A 22 -10.37 7.58 -43.52
C LEU A 22 -10.38 9.09 -43.65
N GLY A 23 -9.26 9.66 -44.05
CA GLY A 23 -9.12 11.11 -44.15
C GLY A 23 -7.76 11.41 -44.73
N LYS A 24 -7.74 12.33 -45.69
CA LYS A 24 -6.51 12.89 -46.24
C LYS A 24 -6.24 14.16 -45.47
N GLY A 25 -5.10 14.80 -45.75
CA GLY A 25 -4.67 15.95 -44.98
C GLY A 25 -3.28 16.39 -45.41
N LYS A 26 -2.82 17.50 -44.82
CA LYS A 26 -1.58 18.14 -45.25
C LYS A 26 -0.36 17.20 -45.28
N PHE A 27 -0.25 16.30 -44.30
CA PHE A 27 1.05 15.66 -43.96
C PHE A 27 1.33 14.12 -44.08
N GLY A 28 0.35 13.23 -43.99
CA GLY A 28 -1.03 13.48 -43.58
C GLY A 28 -2.03 12.55 -44.28
N ASN A 29 -2.08 11.28 -43.87
CA ASN A 29 -3.19 10.38 -44.25
C ASN A 29 -3.53 9.42 -43.11
N VAL A 30 -4.82 9.27 -42.81
CA VAL A 30 -5.29 8.29 -41.81
C VAL A 30 -5.99 7.10 -42.49
N TYR A 31 -5.66 5.87 -42.05
CA TYR A 31 -6.27 4.67 -42.60
C TYR A 31 -6.95 3.89 -41.53
N LEU A 32 -8.08 3.29 -41.87
CA LEU A 32 -8.59 2.16 -41.07
C LEU A 32 -7.64 1.00 -41.16
N ALA A 33 -7.27 0.47 -40.01
CA ALA A 33 -6.29 -0.59 -39.91
C ALA A 33 -6.64 -1.61 -38.85
N ARG A 34 -6.23 -2.85 -39.08
CA ARG A 34 -6.42 -3.96 -38.15
C ARG A 34 -5.07 -4.57 -37.74
N GLU A 35 -4.78 -4.49 -36.46
CA GLU A 35 -3.57 -5.06 -35.95
C GLU A 35 -3.70 -6.60 -35.99
N LYS A 36 -2.81 -7.26 -36.72
CA LYS A 36 -2.96 -8.69 -37.07
C LYS A 36 -3.16 -9.68 -35.92
N GLN A 37 -2.28 -9.65 -34.92
CA GLN A 37 -2.28 -10.73 -33.93
C GLN A 37 -3.46 -10.67 -32.94
N ASN A 38 -4.07 -9.50 -32.80
CA ASN A 38 -5.21 -9.32 -31.92
C ASN A 38 -6.48 -9.06 -32.71
N LYS A 39 -6.38 -9.05 -34.03
CA LYS A 39 -7.45 -8.56 -34.92
C LYS A 39 -8.14 -7.26 -34.40
N PHE A 40 -7.36 -6.34 -33.87
CA PHE A 40 -7.93 -5.14 -33.24
C PHE A 40 -7.98 -3.99 -34.24
N ILE A 41 -9.18 -3.43 -34.43
CA ILE A 41 -9.37 -2.35 -35.39
C ILE A 41 -9.04 -0.99 -34.77
N MET A 42 -8.15 -0.25 -35.44
CA MET A 42 -7.72 1.06 -35.00
C MET A 42 -7.53 1.93 -36.25
N ALA A 43 -6.90 3.09 -36.11
CA ALA A 43 -6.57 3.90 -37.25
C ALA A 43 -5.08 4.13 -37.18
N LEU A 44 -4.46 4.26 -38.36
CA LEU A 44 -3.04 4.59 -38.42
C LEU A 44 -2.95 5.90 -39.16
N LYS A 45 -2.37 6.92 -38.52
CA LYS A 45 -2.01 8.15 -39.14
C LYS A 45 -0.60 8.03 -39.65
N VAL A 46 -0.43 8.28 -40.94
CA VAL A 46 0.85 8.06 -41.61
C VAL A 46 1.49 9.40 -41.99
N LEU A 47 2.68 9.69 -41.49
CA LEU A 47 3.31 10.98 -41.79
C LEU A 47 4.60 10.73 -42.55
N PHE A 48 4.95 11.61 -43.48
CA PHE A 48 6.21 11.48 -44.25
C PHE A 48 7.30 12.29 -43.62
N LYS A 49 8.37 11.61 -43.18
CA LYS A 49 9.49 12.28 -42.50
C LYS A 49 10.07 13.46 -43.28
N SER A 50 10.28 13.28 -44.58
CA SER A 50 10.87 14.34 -45.41
C SER A 50 10.00 15.58 -45.47
N GLN A 51 8.71 15.38 -45.69
CA GLN A 51 7.80 16.50 -45.75
C GLN A 51 7.74 17.27 -44.42
N LEU A 52 7.72 16.56 -43.30
CA LEU A 52 7.69 17.20 -41.98
C LEU A 52 8.92 18.09 -41.79
N GLU A 53 10.07 17.55 -42.15
CA GLU A 53 11.31 18.26 -41.93
C GLU A 53 11.50 19.46 -42.85
N LYS A 54 11.11 19.30 -44.11
CA LYS A 54 11.11 20.38 -45.07
C LYS A 54 10.23 21.52 -44.57
N GLU A 55 9.11 21.15 -43.95
CA GLU A 55 8.15 22.10 -43.42
C GLU A 55 8.59 22.63 -42.06
N GLY A 56 9.64 22.04 -41.50
CA GLY A 56 10.13 22.42 -40.20
C GLY A 56 9.15 22.24 -39.05
N VAL A 57 8.30 21.21 -39.14
CA VAL A 57 7.34 20.86 -38.05
C VAL A 57 7.74 19.70 -37.11
N GLU A 58 9.01 19.31 -37.13
CA GLU A 58 9.46 18.16 -36.31
C GLU A 58 9.17 18.31 -34.81
N HIS A 59 9.51 19.46 -34.23
CA HIS A 59 9.30 19.71 -32.80
C HIS A 59 7.82 19.84 -32.45
N GLN A 60 7.06 20.44 -33.36
CA GLN A 60 5.60 20.50 -33.30
C GLN A 60 5.00 19.10 -33.16
N LEU A 61 5.35 18.21 -34.07
CA LEU A 61 4.80 16.89 -34.06
C LEU A 61 5.27 16.14 -32.80
N ARG A 62 6.53 16.29 -32.41
CA ARG A 62 7.02 15.61 -31.20
C ARG A 62 6.17 15.98 -30.00
N ARG A 63 5.83 17.26 -29.92
CA ARG A 63 5.11 17.77 -28.76
C ARG A 63 3.68 17.26 -28.78
N GLU A 64 3.04 17.20 -29.96
CA GLU A 64 1.68 16.62 -30.07
C GLU A 64 1.67 15.17 -29.68
N ILE A 65 2.74 14.44 -30.04
CA ILE A 65 2.80 13.05 -29.75
C ILE A 65 3.00 12.90 -28.25
N GLU A 66 3.97 13.63 -27.69
CA GLU A 66 4.22 13.54 -26.26
C GLU A 66 2.94 13.77 -25.42
N ILE A 67 2.22 14.83 -25.73
CA ILE A 67 0.94 15.07 -25.03
C ILE A 67 -0.09 13.96 -25.26
N GLN A 68 -0.49 13.74 -26.49
CA GLN A 68 -1.62 12.88 -26.69
C GLN A 68 -1.32 11.43 -26.27
N SER A 69 -0.05 10.99 -26.33
CA SER A 69 0.26 9.59 -26.00
C SER A 69 0.27 9.30 -24.50
N HIS A 70 0.18 10.35 -23.68
CA HIS A 70 0.13 10.19 -22.26
C HIS A 70 -1.25 10.46 -21.65
N LEU A 71 -2.27 10.63 -22.49
CA LEU A 71 -3.62 10.93 -22.02
C LEU A 71 -4.47 9.69 -22.17
N ARG A 72 -5.21 9.32 -21.13
CA ARG A 72 -6.09 8.16 -21.18
C ARG A 72 -7.44 8.53 -20.63
N HIS A 73 -8.40 8.73 -21.51
CA HIS A 73 -9.73 9.18 -21.08
C HIS A 73 -10.74 8.78 -22.15
N PRO A 74 -11.96 8.40 -21.74
CA PRO A 74 -12.92 7.90 -22.74
C PRO A 74 -13.35 8.95 -23.75
N ASN A 75 -13.08 10.23 -23.48
CA ASN A 75 -13.48 11.31 -24.43
C ASN A 75 -12.30 12.05 -25.03
N ILE A 76 -11.15 11.38 -24.96
CA ILE A 76 -9.95 11.82 -25.66
C ILE A 76 -9.56 10.62 -26.54
N LEU A 77 -9.33 10.91 -27.83
CA LEU A 77 -8.90 9.88 -28.78
C LEU A 77 -7.56 9.29 -28.35
N ARG A 78 -7.54 7.97 -28.17
CA ARG A 78 -6.38 7.33 -27.60
C ARG A 78 -5.23 7.13 -28.64
N MET A 79 -3.98 7.36 -28.25
CA MET A 79 -2.82 6.98 -29.04
C MET A 79 -2.20 5.79 -28.34
N TYR A 80 -2.43 4.60 -28.89
CA TYR A 80 -1.96 3.38 -28.27
C TYR A 80 -0.44 3.28 -28.31
N ASN A 81 0.15 3.65 -29.45
CA ASN A 81 1.61 3.51 -29.68
C ASN A 81 1.97 4.21 -31.00
N TYR A 82 3.24 4.15 -31.38
CA TYR A 82 3.70 4.74 -32.62
C TYR A 82 5.00 4.05 -33.06
N PHE A 83 5.37 4.21 -34.31
CA PHE A 83 6.58 3.53 -34.82
C PHE A 83 6.97 4.26 -36.08
N HIS A 84 8.14 3.93 -36.63
CA HIS A 84 8.59 4.61 -37.84
C HIS A 84 9.43 3.64 -38.68
N ASP A 85 9.51 3.94 -39.97
CA ASP A 85 10.36 3.15 -40.87
C ASP A 85 11.23 4.15 -41.64
N ARG A 86 11.75 3.78 -42.82
CA ARG A 86 12.72 4.67 -43.51
C ARG A 86 12.19 6.03 -43.86
N LYS A 87 10.91 6.07 -44.26
CA LYS A 87 10.30 7.28 -44.84
C LYS A 87 9.11 7.84 -44.05
N ARG A 88 8.55 7.04 -43.16
CA ARG A 88 7.24 7.41 -42.58
C ARG A 88 7.22 7.28 -41.09
N ILE A 89 6.39 8.09 -40.42
CA ILE A 89 6.08 7.92 -39.00
C ILE A 89 4.62 7.47 -38.93
N TYR A 90 4.34 6.48 -38.09
CA TYR A 90 2.99 5.88 -38.03
C TYR A 90 2.46 6.09 -36.61
N LEU A 91 1.28 6.68 -36.49
CA LEU A 91 0.66 6.86 -35.18
C LEU A 91 -0.50 5.88 -35.06
N MET A 92 -0.53 5.10 -34.00
CA MET A 92 -1.57 4.08 -33.83
C MET A 92 -2.60 4.70 -32.91
N LEU A 93 -3.72 5.05 -33.50
CA LEU A 93 -4.80 5.76 -32.83
C LEU A 93 -6.12 4.99 -32.73
N GLU A 94 -6.88 5.32 -31.70
CA GLU A 94 -8.27 4.86 -31.60
C GLU A 94 -9.09 5.22 -32.84
N PHE A 95 -9.86 4.23 -33.34
CA PHE A 95 -10.75 4.43 -34.43
C PHE A 95 -12.07 5.05 -33.86
N ALA A 96 -12.53 6.15 -34.41
CA ALA A 96 -13.79 6.77 -33.96
C ALA A 96 -14.82 6.42 -35.01
N PRO A 97 -15.65 5.41 -34.74
CA PRO A 97 -16.47 4.86 -35.85
C PRO A 97 -17.56 5.76 -36.39
N ARG A 98 -18.00 6.75 -35.63
CA ARG A 98 -18.97 7.66 -36.25
C ARG A 98 -18.35 8.91 -36.86
N GLY A 99 -17.03 8.99 -36.86
CA GLY A 99 -16.38 10.02 -37.70
C GLY A 99 -16.36 11.43 -37.15
N GLU A 100 -16.33 12.38 -38.07
CA GLU A 100 -16.07 13.79 -37.76
C GLU A 100 -17.28 14.47 -37.21
N LEU A 101 -17.15 15.08 -36.04
CA LEU A 101 -18.27 15.79 -35.47
C LEU A 101 -18.66 16.99 -36.31
N TYR A 102 -17.70 17.70 -36.90
CA TYR A 102 -18.06 18.86 -37.72
C TYR A 102 -18.99 18.45 -38.91
N LYS A 103 -18.74 17.28 -39.52
CA LYS A 103 -19.57 16.76 -40.62
C LYS A 103 -21.00 16.52 -40.21
N GLU A 104 -21.17 15.98 -39.01
CA GLU A 104 -22.51 15.76 -38.43
C GLU A 104 -23.19 17.06 -38.12
N LEU A 105 -22.42 18.06 -37.67
CA LEU A 105 -23.04 19.35 -37.35
C LEU A 105 -23.51 20.04 -38.64
N GLN A 106 -22.66 20.01 -39.67
CA GLN A 106 -23.01 20.55 -40.96
C GLN A 106 -24.26 19.88 -41.58
N LYS A 107 -24.34 18.56 -41.46
CA LYS A 107 -25.45 17.76 -41.97
C LYS A 107 -26.78 18.14 -41.29
N HIS A 108 -26.76 18.36 -39.97
CA HIS A 108 -27.94 18.70 -39.22
C HIS A 108 -28.20 20.21 -39.15
N GLY A 109 -27.19 21.03 -39.40
CA GLY A 109 -27.33 22.48 -39.21
C GLY A 109 -27.03 22.89 -37.78
N ARG A 110 -27.78 22.32 -36.83
CA ARG A 110 -27.55 22.53 -35.41
C ARG A 110 -28.04 21.33 -34.64
N PHE A 111 -27.59 21.18 -33.41
CA PHE A 111 -27.91 20.00 -32.61
C PHE A 111 -28.98 20.41 -31.63
N ASP A 112 -29.81 19.44 -31.26
CA ASP A 112 -30.78 19.65 -30.18
C ASP A 112 -30.07 19.72 -28.82
N GLU A 113 -30.83 20.11 -27.80
CA GLU A 113 -30.25 20.33 -26.48
C GLU A 113 -29.69 19.08 -25.86
N GLN A 114 -30.37 17.96 -26.07
CA GLN A 114 -29.88 16.69 -25.50
C GLN A 114 -28.51 16.33 -26.07
N ARG A 115 -28.38 16.39 -27.38
CA ARG A 115 -27.10 16.12 -28.02
C ARG A 115 -25.98 17.08 -27.55
N SER A 116 -26.31 18.36 -27.49
CA SER A 116 -25.36 19.42 -27.13
C SER A 116 -24.92 19.25 -25.68
N ALA A 117 -25.88 18.99 -24.77
CA ALA A 117 -25.61 18.85 -23.36
C ALA A 117 -24.72 17.63 -23.09
N THR A 118 -25.00 16.53 -23.81
CA THR A 118 -24.18 15.33 -23.72
C THR A 118 -22.74 15.61 -24.14
N PHE A 119 -22.58 16.23 -25.29
CA PHE A 119 -21.26 16.59 -25.76
C PHE A 119 -20.58 17.54 -24.78
N MET A 120 -21.33 18.50 -24.22
CA MET A 120 -20.77 19.42 -23.24
C MET A 120 -20.23 18.75 -21.96
N GLU A 121 -20.95 17.74 -21.48
CA GLU A 121 -20.54 17.01 -20.31
C GLU A 121 -19.24 16.27 -20.63
N GLU A 122 -19.19 15.62 -21.79
CA GLU A 122 -18.03 14.82 -22.21
C GLU A 122 -16.84 15.71 -22.45
N LEU A 123 -17.09 16.83 -23.15
CA LEU A 123 -16.03 17.83 -23.27
C LEU A 123 -15.45 18.31 -21.94
N ALA A 124 -16.31 18.76 -21.01
CA ALA A 124 -15.84 19.29 -19.73
C ALA A 124 -15.06 18.24 -18.93
N ASP A 125 -15.53 16.99 -18.94
CA ASP A 125 -14.81 15.86 -18.31
C ASP A 125 -13.41 15.63 -18.92
N ALA A 126 -13.31 15.59 -20.26
CA ALA A 126 -11.97 15.45 -20.88
C ALA A 126 -11.06 16.61 -20.59
N LEU A 127 -11.60 17.84 -20.69
CA LEU A 127 -10.79 19.05 -20.46
C LEU A 127 -10.34 19.11 -19.00
N HIS A 128 -11.21 18.62 -18.11
CA HIS A 128 -10.83 18.59 -16.68
C HIS A 128 -9.66 17.63 -16.45
N TYR A 129 -9.74 16.48 -17.09
CA TYR A 129 -8.61 15.53 -17.07
C TYR A 129 -7.32 16.20 -17.59
N CYS A 130 -7.40 16.90 -18.73
CA CYS A 130 -6.25 17.62 -19.23
C CYS A 130 -5.74 18.68 -18.26
N HIS A 131 -6.61 19.51 -17.71
CA HIS A 131 -6.17 20.59 -16.80
C HIS A 131 -5.55 20.07 -15.48
N GLU A 132 -6.05 18.93 -15.00
CA GLU A 132 -5.51 18.18 -13.84
CA GLU A 132 -5.45 18.39 -13.78
C GLU A 132 -4.03 17.89 -14.04
N ARG A 133 -3.67 17.77 -15.32
CA ARG A 133 -2.31 17.49 -15.75
C ARG A 133 -1.59 18.69 -16.35
N LYS A 134 -2.18 19.89 -16.18
CA LYS A 134 -1.65 21.14 -16.74
C LYS A 134 -1.48 21.09 -18.25
N VAL A 135 -2.34 20.36 -18.92
CA VAL A 135 -2.38 20.45 -20.39
C VAL A 135 -3.51 21.36 -20.77
N ILE A 136 -3.22 22.39 -21.56
CA ILE A 136 -4.26 23.28 -22.11
C ILE A 136 -4.41 22.84 -23.55
N HIS A 137 -5.63 22.70 -24.03
CA HIS A 137 -5.85 22.23 -25.38
C HIS A 137 -5.71 23.38 -26.37
N ARG A 138 -6.44 24.47 -26.11
CA ARG A 138 -6.34 25.69 -26.89
C ARG A 138 -6.96 25.72 -28.28
N ASP A 139 -7.65 24.66 -28.69
CA ASP A 139 -8.24 24.74 -30.04
C ASP A 139 -9.48 23.86 -30.14
N ILE A 140 -10.30 23.89 -29.09
CA ILE A 140 -11.55 23.13 -29.06
C ILE A 140 -12.48 23.82 -30.07
N LYS A 141 -12.95 23.03 -31.04
CA LYS A 141 -13.92 23.49 -32.04
C LYS A 141 -14.42 22.15 -32.66
N PRO A 142 -15.54 22.16 -33.37
CA PRO A 142 -16.10 20.90 -33.89
C PRO A 142 -15.10 20.05 -34.73
N GLU A 143 -14.34 20.72 -35.59
CA GLU A 143 -13.40 20.13 -36.51
C GLU A 143 -12.35 19.29 -35.78
N ASN A 144 -12.18 19.53 -34.50
CA ASN A 144 -11.16 18.75 -33.76
C ASN A 144 -11.73 17.66 -32.89
N LEU A 145 -13.01 17.39 -33.09
CA LEU A 145 -13.72 16.38 -32.32
C LEU A 145 -14.17 15.24 -33.20
N LEU A 146 -14.11 14.02 -32.67
CA LEU A 146 -14.65 12.87 -33.42
C LEU A 146 -15.74 12.22 -32.57
N MET A 147 -16.39 11.17 -33.11
CA MET A 147 -17.50 10.50 -32.39
C MET A 147 -17.26 9.00 -32.34
N GLY A 148 -17.46 8.46 -31.15
CA GLY A 148 -17.25 7.05 -30.81
C GLY A 148 -18.45 6.22 -31.28
N TYR A 149 -18.39 4.94 -30.95
CA TYR A 149 -19.41 3.97 -31.39
C TYR A 149 -20.83 4.37 -30.95
N LYS A 150 -20.96 4.95 -29.78
CA LYS A 150 -22.30 5.44 -29.40
C LYS A 150 -22.38 6.96 -29.41
N GLY A 151 -21.59 7.58 -30.28
CA GLY A 151 -21.70 9.03 -30.44
C GLY A 151 -20.87 9.77 -29.41
N GLU A 152 -20.11 9.06 -28.59
CA GLU A 152 -19.30 9.78 -27.56
C GLU A 152 -18.29 10.75 -28.18
N LEU A 153 -18.24 11.98 -27.66
CA LEU A 153 -17.20 12.93 -28.10
C LEU A 153 -15.77 12.38 -27.84
N LYS A 154 -14.85 12.65 -28.77
CA LYS A 154 -13.45 12.27 -28.62
C LYS A 154 -12.66 13.51 -29.03
N ILE A 155 -11.92 14.11 -28.09
CA ILE A 155 -10.99 15.16 -28.48
C ILE A 155 -9.87 14.52 -29.30
N ALA A 156 -9.65 14.97 -30.52
CA ALA A 156 -8.89 14.18 -31.50
C ALA A 156 -7.57 14.76 -31.94
N ASP A 157 -7.40 16.08 -31.79
CA ASP A 157 -6.22 16.79 -32.34
C ASP A 157 -5.69 17.68 -31.24
N PHE A 158 -4.39 17.68 -31.02
CA PHE A 158 -3.76 18.41 -29.92
C PHE A 158 -2.70 19.39 -30.51
N GLY A 159 -3.02 19.89 -31.69
CA GLY A 159 -2.14 20.68 -32.54
C GLY A 159 -1.69 21.97 -31.92
N TRP A 160 -2.55 22.61 -31.12
CA TRP A 160 -2.15 23.82 -30.43
C TRP A 160 -1.88 23.58 -28.95
N SER A 161 -1.90 22.31 -28.50
CA SER A 161 -1.88 22.03 -27.06
C SER A 161 -0.52 22.25 -26.40
N VAL A 162 -0.52 22.43 -25.07
CA VAL A 162 0.76 22.76 -24.40
C VAL A 162 0.70 22.18 -23.01
N HIS A 163 1.80 21.60 -22.54
CA HIS A 163 1.87 21.27 -21.13
C HIS A 163 2.49 22.50 -20.48
N ALA A 164 1.78 23.10 -19.53
CA ALA A 164 2.11 24.42 -18.98
C ALA A 164 2.10 24.35 -17.45
N PRO A 165 3.10 23.68 -16.85
CA PRO A 165 3.09 23.52 -15.39
C PRO A 165 3.17 24.83 -14.60
N SER A 166 3.94 25.78 -15.09
CA SER A 166 4.21 26.93 -14.25
C SER A 166 3.94 28.22 -14.97
N LEU A 167 4.57 28.39 -16.12
CA LEU A 167 4.52 29.66 -16.84
C LEU A 167 3.20 29.85 -17.56
N ARG A 168 2.58 31.01 -17.32
CA ARG A 168 1.49 31.47 -18.14
C ARG A 168 1.98 31.41 -19.60
N ARG A 169 1.09 31.63 -20.56
CA ARG A 169 1.45 31.47 -21.95
C ARG A 169 1.21 32.75 -22.74
N ARG A 170 1.90 32.87 -23.88
CA ARG A 170 1.80 34.05 -24.73
C ARG A 170 1.36 33.77 -26.19
N MET A 172 -0.42 33.31 -29.49
CA MET A 172 -1.73 33.38 -30.12
C MET A 172 -1.95 32.13 -30.96
N CYS A 173 -2.96 31.38 -30.59
CA CYS A 173 -3.24 30.16 -31.31
C CYS A 173 -4.69 29.81 -31.24
N GLY A 174 -5.09 28.91 -32.13
CA GLY A 174 -6.48 28.44 -32.15
C GLY A 174 -7.04 28.86 -33.48
N THR A 175 -8.30 29.23 -33.45
CA THR A 175 -9.06 29.44 -34.65
C THR A 175 -9.81 30.75 -34.40
N LEU A 176 -9.77 31.63 -35.39
CA LEU A 176 -10.39 32.97 -35.32
C LEU A 176 -11.68 33.05 -34.48
N ASP A 177 -12.71 32.27 -34.85
CA ASP A 177 -14.01 32.41 -34.17
C ASP A 177 -14.03 31.98 -32.71
N TYR A 178 -13.00 31.24 -32.30
CA TYR A 178 -12.92 30.65 -30.99
C TYR A 178 -11.96 31.38 -30.07
N LEU A 179 -11.21 32.37 -30.58
CA LEU A 179 -10.19 33.06 -29.77
C LEU A 179 -10.76 33.78 -28.57
N PRO A 180 -10.13 33.59 -27.42
CA PRO A 180 -10.51 34.30 -26.21
C PRO A 180 -10.02 35.76 -26.27
N PRO A 181 -10.74 36.65 -25.59
CA PRO A 181 -10.36 38.08 -25.62
C PRO A 181 -8.90 38.26 -25.23
N GLU A 182 -8.41 37.49 -24.25
CA GLU A 182 -7.06 37.72 -23.78
C GLU A 182 -6.00 37.47 -24.83
N MET A 183 -6.20 36.48 -25.70
CA MET A 183 -5.27 36.26 -26.79
C MET A 183 -5.32 37.42 -27.77
N ILE A 184 -6.50 37.89 -28.09
CA ILE A 184 -6.65 38.96 -29.06
C ILE A 184 -5.94 40.21 -28.51
N GLU A 185 -6.10 40.45 -27.21
CA GLU A 185 -5.54 41.60 -26.55
C GLU A 185 -4.04 41.53 -26.23
N GLY A 186 -3.38 40.39 -26.50
CA GLY A 186 -1.93 40.30 -26.30
C GLY A 186 -1.51 40.10 -24.86
N LYS A 187 -2.42 39.63 -24.02
CA LYS A 187 -2.13 39.35 -22.62
C LYS A 187 -1.62 37.93 -22.52
N THR A 188 -1.01 37.58 -21.40
CA THR A 188 -0.66 36.18 -21.21
C THR A 188 -1.95 35.39 -20.90
N HIS A 189 -1.99 34.12 -21.27
CA HIS A 189 -3.16 33.30 -20.98
C HIS A 189 -2.87 32.07 -20.16
N ASP A 190 -3.94 31.43 -19.71
CA ASP A 190 -3.80 30.20 -18.96
C ASP A 190 -4.82 29.14 -19.42
N GLU A 191 -5.02 28.11 -18.59
CA GLU A 191 -5.96 27.06 -18.93
C GLU A 191 -7.39 27.56 -19.15
N LYS A 192 -7.71 28.72 -18.62
CA LYS A 192 -9.09 29.24 -18.72
C LYS A 192 -9.47 29.60 -20.15
N VAL A 193 -8.48 29.68 -21.04
CA VAL A 193 -8.82 29.80 -22.50
C VAL A 193 -9.80 28.69 -22.98
N ASP A 194 -9.61 27.48 -22.47
CA ASP A 194 -10.45 26.32 -22.86
C ASP A 194 -11.88 26.49 -22.36
N LEU A 195 -12.05 27.18 -21.23
CA LEU A 195 -13.39 27.43 -20.74
C LEU A 195 -14.12 28.31 -21.74
N TRP A 196 -13.44 29.38 -22.18
CA TRP A 196 -14.00 30.29 -23.21
C TRP A 196 -14.35 29.50 -24.47
N CYS A 197 -13.41 28.68 -25.00
CA CYS A 197 -13.72 27.94 -26.21
C CYS A 197 -14.86 26.94 -26.01
N ALA A 198 -15.02 26.42 -24.79
CA ALA A 198 -16.15 25.51 -24.54
C ALA A 198 -17.48 26.27 -24.67
N GLY A 199 -17.49 27.53 -24.26
CA GLY A 199 -18.74 28.32 -24.42
C GLY A 199 -19.03 28.63 -25.87
N VAL A 200 -18.03 29.01 -26.62
CA VAL A 200 -18.16 29.14 -28.09
C VAL A 200 -18.73 27.87 -28.75
N LEU A 201 -18.15 26.73 -28.36
CA LEU A 201 -18.58 25.46 -28.88
C LEU A 201 -20.04 25.15 -28.57
N CYS A 202 -20.45 25.34 -27.31
CA CYS A 202 -21.83 25.11 -26.90
C CYS A 202 -22.76 25.94 -27.76
N TYR A 203 -22.43 27.22 -27.93
CA TYR A 203 -23.24 28.09 -28.79
C TYR A 203 -23.33 27.56 -30.24
N GLU A 204 -22.18 27.28 -30.84
CA GLU A 204 -22.13 26.74 -32.21
C GLU A 204 -22.89 25.40 -32.36
N PHE A 205 -22.77 24.53 -31.37
CA PHE A 205 -23.58 23.30 -31.34
C PHE A 205 -25.06 23.63 -31.50
N LEU A 206 -25.54 24.56 -30.67
CA LEU A 206 -26.97 24.82 -30.59
C LEU A 206 -27.53 25.74 -31.67
N VAL A 207 -26.67 26.62 -32.20
CA VAL A 207 -27.08 27.65 -33.19
C VAL A 207 -26.61 27.26 -34.57
N GLY A 208 -25.48 26.59 -34.67
CA GLY A 208 -24.96 26.24 -35.98
C GLY A 208 -23.94 27.22 -36.56
N MET A 209 -23.85 28.40 -35.97
CA MET A 209 -22.81 29.40 -36.32
C MET A 209 -22.11 29.82 -35.03
N PRO A 210 -20.83 30.20 -35.09
CA PRO A 210 -20.25 30.67 -33.83
C PRO A 210 -20.74 32.08 -33.48
N PRO A 211 -20.63 32.46 -32.19
CA PRO A 211 -21.35 33.65 -31.71
C PRO A 211 -20.78 34.99 -32.27
N PHE A 212 -19.54 35.00 -32.71
CA PHE A 212 -18.94 36.29 -33.09
C PHE A 212 -18.69 36.41 -34.60
N ASP A 213 -19.38 35.57 -35.35
CA ASP A 213 -19.34 35.56 -36.82
C ASP A 213 -19.41 36.96 -37.45
N SER A 214 -18.44 37.27 -38.31
CA SER A 214 -18.34 38.58 -39.01
C SER A 214 -17.58 38.44 -40.33
N PRO A 215 -17.83 39.37 -41.29
CA PRO A 215 -17.13 39.47 -42.57
C PRO A 215 -15.61 39.61 -42.45
N SER A 216 -15.10 40.15 -41.34
CA SER A 216 -13.70 40.47 -41.28
C SER A 216 -13.09 40.07 -39.96
N HIS A 217 -11.80 39.76 -39.97
CA HIS A 217 -11.04 39.46 -38.76
C HIS A 217 -11.13 40.56 -37.67
N THR A 218 -11.04 41.84 -38.06
CA THR A 218 -11.10 42.90 -37.04
C THR A 218 -12.50 43.09 -36.47
N GLU A 219 -13.52 42.85 -37.28
CA GLU A 219 -14.85 42.97 -36.75
C GLU A 219 -15.10 41.76 -35.81
N THR A 220 -14.56 40.60 -36.18
CA THR A 220 -14.69 39.42 -35.29
C THR A 220 -13.93 39.68 -33.97
N HIS A 221 -12.69 40.19 -34.07
CA HIS A 221 -11.92 40.59 -32.89
C HIS A 221 -12.68 41.55 -31.99
N ARG A 222 -13.29 42.57 -32.61
CA ARG A 222 -14.15 43.52 -31.89
C ARG A 222 -15.33 42.87 -31.19
N ARG A 223 -16.00 41.92 -31.84
CA ARG A 223 -17.17 41.34 -31.22
C ARG A 223 -16.74 40.50 -30.00
N ILE A 224 -15.62 39.83 -30.13
CA ILE A 224 -15.05 38.97 -29.05
C ILE A 224 -14.63 39.75 -27.82
N VAL A 225 -13.83 40.80 -28.00
CA VAL A 225 -13.36 41.59 -26.85
C VAL A 225 -14.48 42.37 -26.18
N ASN A 226 -15.57 42.67 -26.89
CA ASN A 226 -16.74 43.28 -26.30
C ASN A 226 -17.72 42.24 -25.79
N VAL A 227 -17.36 40.95 -25.96
CA VAL A 227 -18.31 39.84 -25.69
C VAL A 227 -19.69 40.20 -26.21
N ASP A 228 -19.74 40.55 -27.50
CA ASP A 228 -20.97 41.00 -28.13
C ASP A 228 -21.85 39.81 -28.50
N LEU A 229 -22.41 39.16 -27.50
CA LEU A 229 -23.08 37.91 -27.64
C LEU A 229 -24.55 38.22 -27.83
N LYS A 230 -25.14 37.67 -28.88
CA LYS A 230 -26.56 37.88 -29.20
C LYS A 230 -27.24 36.55 -29.42
N PHE A 231 -28.06 36.12 -28.46
CA PHE A 231 -28.66 34.79 -28.47
C PHE A 231 -29.91 34.77 -29.31
N PRO A 232 -30.00 33.85 -30.28
CA PRO A 232 -31.27 33.64 -31.00
C PRO A 232 -32.41 33.26 -30.05
N PRO A 233 -33.66 33.62 -30.41
CA PRO A 233 -34.77 33.45 -29.48
C PRO A 233 -35.16 32.01 -29.20
N PHE A 234 -34.71 31.07 -30.04
CA PHE A 234 -35.13 29.68 -29.86
C PHE A 234 -34.40 28.92 -28.71
N LEU A 235 -33.26 29.43 -28.24
CA LEU A 235 -32.52 28.76 -27.16
C LEU A 235 -33.22 28.83 -25.80
N SER A 236 -33.16 27.71 -25.07
CA SER A 236 -33.64 27.67 -23.69
C SER A 236 -32.84 28.57 -22.78
N ASP A 237 -33.44 28.93 -21.65
CA ASP A 237 -32.78 29.79 -20.66
C ASP A 237 -31.61 29.05 -20.04
N GLY A 238 -31.73 27.74 -19.83
CA GLY A 238 -30.61 26.95 -19.29
C GLY A 238 -29.37 26.97 -20.21
N SER A 239 -29.57 26.81 -21.52
CA SER A 239 -28.44 26.79 -22.45
C SER A 239 -27.79 28.18 -22.49
N LYS A 240 -28.59 29.27 -22.46
CA LYS A 240 -28.02 30.65 -22.43
C LYS A 240 -27.29 30.89 -21.14
N ASP A 241 -27.84 30.35 -20.06
CA ASP A 241 -27.23 30.53 -18.76
C ASP A 241 -25.82 29.92 -18.79
N LEU A 242 -25.73 28.68 -19.26
CA LEU A 242 -24.42 27.99 -19.38
C LEU A 242 -23.45 28.75 -20.30
N ILE A 243 -23.91 29.12 -21.48
CA ILE A 243 -23.03 29.87 -22.42
C ILE A 243 -22.56 31.18 -21.82
N SER A 244 -23.46 31.94 -21.20
CA SER A 244 -23.09 33.22 -20.61
C SER A 244 -22.05 33.06 -19.51
N LYS A 245 -22.12 31.96 -18.78
CA LYS A 245 -21.18 31.74 -17.67
C LYS A 245 -19.82 31.28 -18.16
N LEU A 246 -19.76 30.75 -19.39
CA LEU A 246 -18.45 30.40 -19.98
C LEU A 246 -17.83 31.55 -20.77
N LEU A 247 -18.67 32.31 -21.44
CA LEU A 247 -18.15 33.40 -22.28
C LEU A 247 -18.03 34.68 -21.46
N ARG A 248 -17.14 34.67 -20.47
CA ARG A 248 -16.97 35.82 -19.63
C ARG A 248 -15.66 36.47 -20.06
N TYR A 249 -15.67 37.79 -20.16
CA TYR A 249 -14.48 38.54 -20.50
C TYR A 249 -13.30 38.21 -19.58
N HIS A 250 -13.53 38.21 -18.27
CA HIS A 250 -12.47 37.93 -17.28
C HIS A 250 -12.22 36.40 -17.06
N PRO A 251 -11.07 35.88 -17.48
CA PRO A 251 -10.84 34.44 -17.32
C PRO A 251 -11.23 33.89 -15.93
N PRO A 252 -10.89 34.60 -14.83
CA PRO A 252 -11.19 33.98 -13.50
C PRO A 252 -12.70 33.93 -13.19
N GLN A 253 -13.52 34.67 -13.95
CA GLN A 253 -14.95 34.61 -13.73
C GLN A 253 -15.69 33.53 -14.52
N ARG A 254 -14.98 32.83 -15.39
CA ARG A 254 -15.62 31.81 -16.21
C ARG A 254 -15.94 30.59 -15.36
N LEU A 255 -17.07 29.97 -15.69
CA LEU A 255 -17.52 28.75 -14.98
C LEU A 255 -16.43 27.66 -15.06
N PRO A 256 -16.03 27.08 -13.90
CA PRO A 256 -15.02 25.99 -14.00
C PRO A 256 -15.61 24.75 -14.67
N LEU A 257 -14.75 23.93 -15.23
CA LEU A 257 -15.22 22.70 -15.86
C LEU A 257 -16.08 21.83 -14.94
N LYS A 258 -15.70 21.70 -13.67
CA LYS A 258 -16.55 20.98 -12.71
C LYS A 258 -17.94 21.66 -12.68
N GLY A 259 -17.90 23.00 -12.74
CA GLY A 259 -19.16 23.85 -12.88
C GLY A 259 -20.03 23.54 -14.09
N VAL A 260 -19.38 23.30 -15.24
CA VAL A 260 -20.08 22.86 -16.47
C VAL A 260 -20.75 21.49 -16.27
N MET A 261 -20.01 20.54 -15.68
CA MET A 261 -20.56 19.18 -15.54
C MET A 261 -21.77 19.20 -14.60
N GLU A 262 -21.74 20.08 -13.60
CA GLU A 262 -22.77 20.17 -12.54
C GLU A 262 -23.85 21.15 -12.95
N HIS A 263 -23.68 21.84 -14.07
CA HIS A 263 -24.69 22.82 -14.48
C HIS A 263 -26.08 22.17 -14.64
N PRO A 264 -27.18 22.83 -14.17
CA PRO A 264 -28.49 22.15 -14.21
C PRO A 264 -28.94 21.75 -15.59
N TRP A 265 -28.65 22.59 -16.58
CA TRP A 265 -29.06 22.33 -17.99
C TRP A 265 -28.32 21.09 -18.52
N VAL A 266 -27.04 20.97 -18.15
CA VAL A 266 -26.27 19.76 -18.45
C VAL A 266 -26.89 18.52 -17.76
N LYS A 267 -27.13 18.58 -16.46
CA LYS A 267 -27.70 17.45 -15.72
C LYS A 267 -29.07 17.03 -16.27
N ALA A 268 -29.91 18.01 -16.56
CA ALA A 268 -31.25 17.78 -17.08
C ALA A 268 -31.29 17.23 -18.49
N ASN A 269 -30.30 17.54 -19.34
CA ASN A 269 -30.35 17.11 -20.75
C ASN A 269 -29.32 16.06 -21.25
N SER A 270 -28.22 15.91 -20.53
CA SER A 270 -27.16 15.01 -20.99
C SER A 270 -27.65 13.58 -20.88
N ARG A 271 -27.35 12.80 -21.91
CA ARG A 271 -27.57 11.36 -21.94
C ARG A 271 -26.24 10.65 -22.11
N ARG A 272 -25.23 11.12 -21.38
CA ARG A 272 -23.88 10.62 -21.52
C ARG A 272 -23.76 9.14 -21.10
N VAL A 273 -23.08 8.33 -21.90
CA VAL A 273 -22.86 6.93 -21.53
C VAL A 273 -21.35 6.74 -21.50
N LEU A 274 -20.83 6.11 -20.46
CA LEU A 274 -19.40 5.74 -20.39
C LEU A 274 -19.10 4.42 -21.12
N PRO A 275 -18.13 4.43 -22.06
CA PRO A 275 -17.81 3.24 -22.82
C PRO A 275 -17.46 2.08 -21.84
N PRO A 276 -17.73 0.81 -22.21
CA PRO A 276 -17.22 -0.28 -21.34
C PRO A 276 -15.71 -0.25 -21.16
N VAL A 277 -15.26 -0.58 -19.97
CA VAL A 277 -13.83 -0.54 -19.67
C VAL A 277 -13.30 -2.00 -19.60
N TYR A 278 -12.01 -2.24 -19.88
CA TYR A 278 -11.48 -3.62 -19.79
C TYR A 278 -11.52 -4.18 -18.37
N GLN A 279 -12.01 -5.42 -18.25
CA GLN A 279 -11.70 -6.34 -17.13
C GLN A 279 -12.43 -7.69 -17.26
N THR B 1 6.84 -6.47 69.21
CA THR B 1 6.23 -6.06 70.52
C THR B 1 4.69 -6.01 70.47
N ALA B 2 4.10 -5.75 71.64
CA ALA B 2 2.65 -5.67 71.84
C ALA B 2 2.03 -4.41 71.20
N LEU B 3 2.88 -3.53 70.69
CA LEU B 3 2.45 -2.25 70.14
C LEU B 3 2.95 -2.04 68.72
N ALA B 4 3.78 -2.98 68.23
CA ALA B 4 4.27 -3.00 66.84
C ALA B 4 3.10 -3.04 65.87
N GLU B 5 3.23 -2.33 64.74
CA GLU B 5 2.18 -2.29 63.72
C GLU B 5 1.75 -3.69 63.30
N MET B 6 0.46 -3.90 63.13
CA MET B 6 0.00 -5.19 62.63
C MET B 6 0.49 -5.43 61.17
N PRO B 7 1.03 -6.62 60.89
CA PRO B 7 1.48 -6.88 59.52
C PRO B 7 0.30 -7.16 58.59
N LYS B 8 0.53 -6.78 57.34
CA LYS B 8 -0.43 -6.95 56.27
C LYS B 8 -0.66 -8.40 55.93
N ARG B 9 -1.87 -8.69 55.46
CA ARG B 9 -2.21 -10.01 54.98
C ARG B 9 -1.33 -10.37 53.77
N LYS B 10 -0.95 -11.63 53.67
CA LYS B 10 -0.29 -12.11 52.48
C LYS B 10 -1.19 -13.17 51.95
N PHE B 11 -0.96 -13.58 50.70
CA PHE B 11 -1.66 -14.73 50.18
C PHE B 11 -1.29 -15.95 50.97
N THR B 12 -2.18 -16.94 50.93
CA THR B 12 -2.06 -18.16 51.68
C THR B 12 -2.56 -19.26 50.77
N ILE B 13 -2.21 -20.52 51.05
CA ILE B 13 -2.69 -21.60 50.18
C ILE B 13 -4.23 -21.74 50.18
N ASP B 14 -4.90 -21.27 51.24
CA ASP B 14 -6.35 -21.39 51.33
C ASP B 14 -7.07 -20.37 50.45
N ASP B 15 -6.32 -19.46 49.85
CA ASP B 15 -6.88 -18.46 48.91
C ASP B 15 -7.12 -19.03 47.51
N PHE B 16 -6.78 -20.31 47.31
CA PHE B 16 -6.79 -20.92 45.97
C PHE B 16 -7.52 -22.25 45.90
N ASP B 17 -8.34 -22.42 44.85
CA ASP B 17 -8.83 -23.75 44.44
C ASP B 17 -7.70 -24.38 43.64
N ILE B 18 -7.27 -25.58 44.01
CA ILE B 18 -6.22 -26.23 43.27
C ILE B 18 -6.79 -27.13 42.20
N GLY B 19 -6.37 -26.90 40.96
CA GLY B 19 -6.72 -27.77 39.86
C GLY B 19 -5.62 -28.82 39.72
N ARG B 20 -5.41 -29.24 38.48
CA ARG B 20 -4.51 -30.34 38.20
C ARG B 20 -3.08 -29.85 37.91
N PRO B 21 -2.08 -30.75 38.06
CA PRO B 21 -0.72 -30.37 37.70
C PRO B 21 -0.64 -30.02 36.21
N LEU B 22 0.25 -29.10 35.88
CA LEU B 22 0.42 -28.65 34.52
C LEU B 22 1.65 -29.31 33.87
N GLY B 28 5.10 -30.85 37.24
CA GLY B 28 5.62 -30.80 38.61
C GLY B 28 4.53 -30.81 39.68
N ASN B 29 4.59 -29.89 40.66
CA ASN B 29 5.47 -28.73 40.71
C ASN B 29 4.63 -27.43 40.49
N VAL B 30 4.01 -27.35 39.31
CA VAL B 30 3.18 -26.24 38.88
C VAL B 30 1.76 -26.74 38.65
N TYR B 31 0.82 -26.08 39.32
CA TYR B 31 -0.57 -26.48 39.28
C TYR B 31 -1.42 -25.37 38.70
N LEU B 32 -2.47 -25.74 37.98
CA LEU B 32 -3.52 -24.83 37.61
C LEU B 32 -4.19 -24.51 38.93
N ALA B 33 -4.49 -23.23 39.14
CA ALA B 33 -5.16 -22.79 40.37
C ALA B 33 -6.17 -21.70 40.05
N ARG B 34 -7.22 -21.62 40.85
CA ARG B 34 -8.10 -20.48 40.78
C ARG B 34 -8.02 -19.67 42.07
N GLU B 35 -7.65 -18.40 41.99
CA GLU B 35 -7.69 -17.53 43.17
C GLU B 35 -9.18 -17.21 43.49
N LYS B 36 -9.60 -17.49 44.72
CA LYS B 36 -11.03 -17.61 45.04
C LYS B 36 -11.83 -16.29 44.96
N GLN B 37 -11.31 -15.22 45.55
CA GLN B 37 -12.06 -13.96 45.64
C GLN B 37 -12.40 -13.36 44.25
N ASN B 38 -11.46 -13.43 43.32
CA ASN B 38 -11.69 -12.94 41.97
C ASN B 38 -12.04 -14.05 40.95
N LYS B 39 -12.08 -15.31 41.40
CA LYS B 39 -12.30 -16.47 40.51
CA LYS B 39 -12.30 -16.46 40.51
C LYS B 39 -11.38 -16.35 39.27
N PHE B 40 -10.11 -15.99 39.52
CA PHE B 40 -9.09 -15.78 38.48
C PHE B 40 -8.12 -16.98 38.37
N ILE B 41 -8.00 -17.54 37.16
CA ILE B 41 -7.21 -18.75 36.91
C ILE B 41 -5.76 -18.36 36.66
N MET B 42 -4.87 -19.05 37.35
CA MET B 42 -3.45 -18.75 37.29
C MET B 42 -2.71 -20.06 37.52
N ALA B 43 -1.41 -20.00 37.67
CA ALA B 43 -0.67 -21.21 37.99
C ALA B 43 0.03 -20.98 39.31
N LEU B 44 0.28 -22.06 40.05
CA LEU B 44 0.88 -21.97 41.36
C LEU B 44 2.07 -22.93 41.36
N LYS B 45 3.26 -22.36 41.37
CA LYS B 45 4.46 -23.20 41.41
C LYS B 45 4.78 -23.47 42.90
N VAL B 46 4.85 -24.75 43.29
CA VAL B 46 5.06 -25.15 44.69
C VAL B 46 6.47 -25.72 44.84
N LEU B 47 7.27 -25.10 45.71
CA LEU B 47 8.69 -25.45 45.87
C LEU B 47 8.92 -25.90 47.30
N PHE B 48 9.68 -26.97 47.46
CA PHE B 48 9.91 -27.53 48.76
C PHE B 48 11.23 -26.96 49.25
N LYS B 49 11.19 -26.38 50.44
CA LYS B 49 12.33 -25.63 50.97
C LYS B 49 13.56 -26.51 51.19
N SER B 50 13.34 -27.74 51.65
CA SER B 50 14.44 -28.68 51.89
C SER B 50 15.07 -29.21 50.61
N GLN B 51 14.29 -29.25 49.53
CA GLN B 51 14.80 -29.68 48.21
C GLN B 51 15.66 -28.63 47.54
N LEU B 52 15.36 -27.36 47.78
CA LEU B 52 16.11 -26.24 47.20
C LEU B 52 17.47 -26.10 47.86
N GLU B 53 17.48 -26.06 49.18
CA GLU B 53 18.70 -25.86 49.97
C GLU B 53 19.69 -27.00 49.78
N LYS B 54 19.18 -28.17 49.40
CA LYS B 54 19.98 -29.39 49.25
C LYS B 54 20.10 -29.81 47.78
N GLU B 55 19.76 -28.88 46.89
CA GLU B 55 20.14 -28.96 45.48
C GLU B 55 20.91 -27.68 45.12
N GLY B 56 21.18 -26.86 46.13
CA GLY B 56 21.87 -25.56 45.97
C GLY B 56 21.27 -24.52 45.02
N VAL B 57 19.96 -24.29 45.11
CA VAL B 57 19.28 -23.26 44.27
C VAL B 57 18.81 -22.05 45.11
N GLU B 58 18.86 -22.20 46.42
CA GLU B 58 18.47 -21.20 47.42
C GLU B 58 18.72 -19.74 47.03
N HIS B 59 19.94 -19.41 46.62
CA HIS B 59 20.25 -18.04 46.20
C HIS B 59 19.86 -17.75 44.75
N GLN B 60 19.90 -18.77 43.89
CA GLN B 60 19.35 -18.61 42.54
C GLN B 60 17.88 -18.17 42.60
N LEU B 61 17.06 -18.88 43.38
CA LEU B 61 15.61 -18.66 43.43
C LEU B 61 15.29 -17.23 43.85
N ARG B 62 16.02 -16.78 44.86
CA ARG B 62 15.87 -15.47 45.46
C ARG B 62 16.05 -14.42 44.38
N ARG B 63 16.97 -14.71 43.47
CA ARG B 63 17.27 -13.82 42.37
C ARG B 63 16.17 -13.88 41.30
N GLU B 64 15.69 -15.08 40.97
CA GLU B 64 14.59 -15.19 39.99
C GLU B 64 13.29 -14.51 40.47
N ILE B 65 12.93 -14.75 41.73
CA ILE B 65 11.77 -14.08 42.31
C ILE B 65 11.93 -12.58 42.27
N GLU B 66 13.08 -12.07 42.69
CA GLU B 66 13.23 -10.62 42.73
C GLU B 66 13.17 -9.98 41.34
N ILE B 67 13.73 -10.66 40.35
CA ILE B 67 13.67 -10.15 39.00
C ILE B 67 12.25 -10.28 38.44
N GLN B 68 11.74 -11.50 38.41
CA GLN B 68 10.47 -11.76 37.71
C GLN B 68 9.24 -11.06 38.38
N SER B 69 9.31 -10.91 39.70
CA SER B 69 8.18 -10.32 40.44
C SER B 69 7.99 -8.87 40.06
N HIS B 70 9.04 -8.24 39.56
CA HIS B 70 8.99 -6.80 39.18
C HIS B 70 8.74 -6.49 37.70
N LEU B 71 8.69 -7.50 36.83
CA LEU B 71 8.49 -7.25 35.40
C LEU B 71 7.02 -7.35 35.07
N ARG B 72 6.50 -6.38 34.32
CA ARG B 72 5.11 -6.39 33.94
C ARG B 72 5.02 -6.03 32.48
N HIS B 73 4.96 -7.06 31.63
CA HIS B 73 4.97 -6.88 30.20
C HIS B 73 4.17 -8.03 29.61
N PRO B 74 3.37 -7.76 28.56
CA PRO B 74 2.45 -8.72 27.95
C PRO B 74 3.16 -9.93 27.35
N ASN B 75 4.46 -9.83 27.10
CA ASN B 75 5.22 -10.98 26.60
C ASN B 75 6.25 -11.50 27.60
N ILE B 76 6.07 -11.17 28.88
CA ILE B 76 6.83 -11.82 29.95
C ILE B 76 5.81 -12.46 30.88
N LEU B 77 6.01 -13.73 31.25
CA LEU B 77 5.07 -14.43 32.09
C LEU B 77 5.06 -13.77 33.48
N ARG B 78 3.87 -13.28 33.86
CA ARG B 78 3.75 -12.47 35.06
C ARG B 78 3.95 -13.33 36.29
N MET B 79 4.73 -12.84 37.27
CA MET B 79 4.66 -13.41 38.59
C MET B 79 3.85 -12.45 39.46
N TYR B 80 2.64 -12.84 39.82
CA TYR B 80 1.68 -11.90 40.45
C TYR B 80 2.08 -11.56 41.87
N ASN B 81 2.51 -12.58 42.60
CA ASN B 81 2.93 -12.45 43.97
C ASN B 81 3.49 -13.80 44.40
N TYR B 82 3.82 -13.94 45.67
CA TYR B 82 4.35 -15.18 46.21
C TYR B 82 4.14 -15.24 47.73
N PHE B 83 4.26 -16.44 48.27
CA PHE B 83 4.11 -16.65 49.69
C PHE B 83 4.78 -17.95 50.09
N HIS B 84 4.73 -18.28 51.38
CA HIS B 84 5.36 -19.51 51.85
C HIS B 84 4.74 -20.02 53.15
N ASP B 85 4.91 -21.30 53.40
CA ASP B 85 4.52 -21.81 54.69
C ASP B 85 5.72 -22.48 55.37
N ARG B 86 5.43 -23.12 56.50
CA ARG B 86 6.29 -24.09 57.15
C ARG B 86 7.31 -24.68 56.18
N LYS B 87 6.83 -25.41 55.16
CA LYS B 87 7.68 -26.30 54.35
C LYS B 87 7.85 -25.87 52.88
N ARG B 88 7.02 -24.92 52.43
CA ARG B 88 6.88 -24.69 50.99
C ARG B 88 6.95 -23.21 50.60
N ILE B 89 7.43 -22.97 49.38
CA ILE B 89 7.43 -21.64 48.75
C ILE B 89 6.49 -21.72 47.54
N TYR B 90 5.59 -20.75 47.43
CA TYR B 90 4.53 -20.76 46.39
C TYR B 90 4.71 -19.53 45.50
N LEU B 91 4.85 -19.72 44.20
CA LEU B 91 4.89 -18.58 43.29
C LEU B 91 3.55 -18.50 42.52
N MET B 92 2.88 -17.35 42.58
CA MET B 92 1.67 -17.12 41.79
C MET B 92 2.11 -16.63 40.44
N LEU B 93 1.89 -17.47 39.45
CA LEU B 93 2.30 -17.15 38.10
C LEU B 93 1.13 -17.06 37.12
N GLU B 94 1.34 -16.30 36.07
CA GLU B 94 0.43 -16.26 34.92
C GLU B 94 0.26 -17.64 34.26
N PHE B 95 -0.99 -18.01 34.02
CA PHE B 95 -1.25 -19.20 33.26
C PHE B 95 -1.15 -18.90 31.73
N ALA B 96 -0.31 -19.67 31.03
CA ALA B 96 -0.18 -19.56 29.58
C ALA B 96 -0.96 -20.76 28.97
N PRO B 97 -2.18 -20.48 28.48
CA PRO B 97 -3.17 -21.47 28.03
C PRO B 97 -2.69 -22.34 26.85
N ARG B 98 -1.94 -21.78 25.91
CA ARG B 98 -1.37 -22.59 24.82
C ARG B 98 -0.05 -23.32 25.14
N GLY B 99 0.40 -23.25 26.39
CA GLY B 99 1.47 -24.12 26.83
C GLY B 99 2.82 -23.82 26.20
N GLU B 100 3.58 -24.90 26.01
CA GLU B 100 5.01 -24.76 25.76
C GLU B 100 5.29 -24.46 24.32
N LEU B 101 6.07 -23.41 24.07
CA LEU B 101 6.42 -23.14 22.69
C LEU B 101 7.21 -24.27 22.04
N TYR B 102 8.13 -24.87 22.79
CA TYR B 102 8.98 -25.90 22.20
C TYR B 102 8.15 -27.11 21.67
N LYS B 103 7.05 -27.44 22.35
CA LYS B 103 6.22 -28.56 21.92
C LYS B 103 5.54 -28.21 20.62
N GLU B 104 5.13 -26.96 20.48
CA GLU B 104 4.56 -26.49 19.22
C GLU B 104 5.57 -26.50 18.05
N LEU B 105 6.80 -26.11 18.33
CA LEU B 105 7.83 -26.13 17.28
C LEU B 105 8.11 -27.60 16.88
N GLN B 106 8.17 -28.47 17.89
CA GLN B 106 8.27 -29.93 17.65
C GLN B 106 7.13 -30.47 16.76
N LYS B 107 5.91 -30.00 17.02
CA LYS B 107 4.77 -30.54 16.30
C LYS B 107 4.83 -30.14 14.83
N HIS B 108 5.20 -28.89 14.56
CA HIS B 108 5.19 -28.40 13.20
C HIS B 108 6.52 -28.56 12.47
N GLY B 109 7.58 -28.89 13.20
CA GLY B 109 8.91 -28.96 12.63
C GLY B 109 9.57 -27.60 12.49
N ARG B 110 8.85 -26.62 11.94
CA ARG B 110 9.31 -25.21 11.82
C ARG B 110 8.10 -24.29 11.75
N PHE B 111 8.27 -23.02 12.11
CA PHE B 111 7.19 -22.02 11.98
C PHE B 111 7.28 -21.28 10.65
N ASP B 112 6.13 -20.86 10.11
CA ASP B 112 6.13 -20.04 8.88
C ASP B 112 6.61 -18.63 9.20
N GLU B 113 6.74 -17.79 8.18
CA GLU B 113 7.36 -16.47 8.36
C GLU B 113 6.48 -15.54 9.19
N GLN B 114 5.16 -15.66 9.06
CA GLN B 114 4.27 -14.84 9.90
C GLN B 114 4.37 -15.18 11.38
N ARG B 115 4.29 -16.46 11.72
CA ARG B 115 4.40 -16.86 13.09
C ARG B 115 5.78 -16.47 13.67
N SER B 116 6.85 -16.69 12.88
CA SER B 116 8.20 -16.42 13.35
C SER B 116 8.40 -14.93 13.56
N ALA B 117 8.02 -14.14 12.57
CA ALA B 117 8.21 -12.69 12.73
C ALA B 117 7.41 -12.11 13.91
N THR B 118 6.20 -12.63 14.12
CA THR B 118 5.33 -12.18 15.25
C THR B 118 6.05 -12.44 16.59
N PHE B 119 6.56 -13.66 16.73
CA PHE B 119 7.30 -14.06 17.88
C PHE B 119 8.54 -13.19 18.08
N MET B 120 9.20 -12.83 16.99
CA MET B 120 10.43 -12.01 17.10
C MET B 120 10.08 -10.57 17.54
N GLU B 121 9.00 -10.02 17.01
CA GLU B 121 8.60 -8.70 17.46
C GLU B 121 8.33 -8.71 18.97
N GLU B 122 7.57 -9.69 19.44
CA GLU B 122 7.23 -9.85 20.88
C GLU B 122 8.47 -10.04 21.76
N LEU B 123 9.35 -10.92 21.31
CA LEU B 123 10.54 -11.22 22.06
C LEU B 123 11.42 -9.98 22.18
N ALA B 124 11.67 -9.29 21.06
CA ALA B 124 12.52 -8.07 21.13
C ALA B 124 11.85 -6.95 21.98
N ASP B 125 10.53 -6.81 21.87
CA ASP B 125 9.77 -5.88 22.77
C ASP B 125 10.03 -6.27 24.26
N ALA B 126 9.81 -7.55 24.63
CA ALA B 126 10.01 -8.01 26.02
C ALA B 126 11.46 -7.81 26.49
N LEU B 127 12.43 -8.18 25.62
CA LEU B 127 13.85 -8.00 25.94
C LEU B 127 14.25 -6.53 26.10
N HIS B 128 13.73 -5.66 25.23
CA HIS B 128 14.01 -4.22 25.35
C HIS B 128 13.58 -3.68 26.72
N TYR B 129 12.37 -4.08 27.13
CA TYR B 129 11.83 -3.79 28.46
C TYR B 129 12.75 -4.31 29.56
N CYS B 130 13.26 -5.53 29.45
CA CYS B 130 14.24 -6.06 30.41
C CYS B 130 15.52 -5.21 30.46
N HIS B 131 16.12 -4.97 29.30
CA HIS B 131 17.42 -4.28 29.27
C HIS B 131 17.30 -2.86 29.80
N GLU B 132 16.13 -2.23 29.58
CA GLU B 132 15.89 -0.89 30.11
C GLU B 132 15.92 -0.87 31.62
N ARG B 133 15.52 -1.97 32.23
CA ARG B 133 15.62 -2.13 33.66
C ARG B 133 16.92 -2.79 34.10
N LYS B 134 17.89 -2.86 33.19
CA LYS B 134 19.15 -3.55 33.47
C LYS B 134 18.96 -5.01 33.79
N VAL B 135 17.94 -5.64 33.22
CA VAL B 135 17.81 -7.07 33.41
C VAL B 135 18.25 -7.73 32.10
N ILE B 136 19.18 -8.65 32.22
CA ILE B 136 19.62 -9.47 31.09
C ILE B 136 19.08 -10.90 31.32
N HIS B 137 18.50 -11.49 30.29
CA HIS B 137 17.83 -12.79 30.48
C HIS B 137 18.80 -13.94 30.47
N ARG B 138 19.63 -14.01 29.42
CA ARG B 138 20.81 -14.92 29.30
C ARG B 138 20.50 -16.38 28.99
N ASP B 139 19.24 -16.70 28.78
CA ASP B 139 18.90 -18.07 28.38
C ASP B 139 17.62 -18.10 27.56
N ILE B 140 17.48 -17.19 26.61
CA ILE B 140 16.40 -17.24 25.61
C ILE B 140 16.65 -18.48 24.72
N LYS B 141 15.59 -19.31 24.59
CA LYS B 141 15.54 -20.58 23.82
C LYS B 141 14.08 -21.06 23.88
N PRO B 142 13.68 -21.92 22.93
CA PRO B 142 12.27 -22.33 22.80
C PRO B 142 11.72 -22.90 24.14
N GLU B 143 12.56 -23.62 24.90
CA GLU B 143 12.09 -24.27 26.14
C GLU B 143 11.75 -23.29 27.25
N ASN B 144 12.14 -22.01 27.07
CA ASN B 144 11.94 -20.97 28.07
C ASN B 144 10.79 -20.04 27.68
N LEU B 145 10.07 -20.44 26.63
CA LEU B 145 8.99 -19.62 26.08
C LEU B 145 7.66 -20.38 26.15
N LEU B 146 6.62 -19.68 26.59
CA LEU B 146 5.27 -20.28 26.65
C LEU B 146 4.38 -19.45 25.75
N MET B 147 3.13 -19.86 25.59
CA MET B 147 2.24 -19.14 24.71
C MET B 147 0.88 -18.79 25.34
N GLY B 148 0.49 -17.52 25.14
CA GLY B 148 -0.74 -16.96 25.70
C GLY B 148 -1.95 -17.48 24.92
N TYR B 149 -3.12 -17.00 25.30
CA TYR B 149 -4.40 -17.41 24.71
C TYR B 149 -4.51 -17.25 23.16
N LYS B 150 -4.05 -16.11 22.64
CA LYS B 150 -3.95 -15.89 21.20
C LYS B 150 -2.54 -16.22 20.66
N GLY B 151 -1.77 -16.96 21.46
CA GLY B 151 -0.49 -17.48 20.99
C GLY B 151 0.64 -16.52 21.18
N GLU B 152 0.40 -15.45 21.96
CA GLU B 152 1.46 -14.48 22.29
C GLU B 152 2.62 -15.16 22.99
N LEU B 153 3.84 -14.86 22.55
CA LEU B 153 5.03 -15.35 23.23
C LEU B 153 5.07 -14.90 24.68
N LYS B 154 5.58 -15.76 25.57
CA LYS B 154 5.79 -15.36 26.96
C LYS B 154 7.14 -15.88 27.42
N ILE B 155 8.06 -14.98 27.75
CA ILE B 155 9.30 -15.38 28.42
C ILE B 155 8.98 -15.85 29.83
N ALA B 156 9.34 -17.10 30.14
CA ALA B 156 8.76 -17.82 31.26
C ALA B 156 9.68 -18.16 32.46
N ASP B 157 10.96 -18.34 32.19
CA ASP B 157 11.92 -18.89 33.13
C ASP B 157 13.09 -17.91 33.22
N PHE B 158 13.27 -17.32 34.39
CA PHE B 158 14.29 -16.31 34.60
C PHE B 158 15.41 -16.88 35.48
N GLY B 159 15.66 -18.17 35.34
CA GLY B 159 16.57 -18.86 36.21
C GLY B 159 18.02 -18.40 36.10
N TRP B 160 18.41 -17.85 34.95
CA TRP B 160 19.79 -17.42 34.71
C TRP B 160 19.89 -15.93 34.56
N SER B 161 18.77 -15.24 34.76
CA SER B 161 18.69 -13.81 34.59
C SER B 161 19.38 -13.11 35.73
N VAL B 162 19.75 -11.85 35.46
CA VAL B 162 20.53 -11.05 36.39
C VAL B 162 20.17 -9.60 36.23
N HIS B 163 20.00 -8.90 37.36
CA HIS B 163 19.94 -7.46 37.41
C HIS B 163 21.35 -6.93 37.46
N ALA B 164 21.80 -6.28 36.38
CA ALA B 164 23.23 -5.87 36.28
C ALA B 164 23.32 -4.36 36.05
N PRO B 165 23.36 -3.59 37.15
CA PRO B 165 23.38 -2.13 36.93
C PRO B 165 24.59 -1.65 36.10
N SER B 166 25.73 -2.33 36.17
CA SER B 166 26.83 -1.97 35.26
C SER B 166 26.74 -2.65 33.86
N LEU B 167 25.78 -3.57 33.69
CA LEU B 167 25.65 -4.42 32.48
C LEU B 167 26.94 -5.18 32.10
N ARG B 168 27.68 -5.66 33.10
CA ARG B 168 28.87 -6.47 32.81
C ARG B 168 28.92 -7.61 33.82
N ARG B 169 28.87 -8.84 33.31
CA ARG B 169 28.79 -10.01 34.13
C ARG B 169 29.73 -11.07 33.59
N ARG B 170 29.96 -12.09 34.42
CA ARG B 170 30.91 -13.16 34.09
C ARG B 170 30.38 -14.60 34.27
N MET B 172 29.00 -18.03 33.56
CA MET B 172 28.85 -18.87 32.40
C MET B 172 27.45 -19.50 32.51
N CYS B 173 26.56 -19.12 31.61
CA CYS B 173 25.19 -19.69 31.64
C CYS B 173 24.50 -19.68 30.28
N GLY B 174 23.46 -20.49 30.17
CA GLY B 174 22.66 -20.56 28.95
C GLY B 174 22.55 -22.01 28.53
N THR B 175 22.49 -22.23 27.23
CA THR B 175 22.29 -23.54 26.66
C THR B 175 23.25 -23.64 25.48
N LEU B 176 23.96 -24.76 25.39
CA LEU B 176 25.06 -24.95 24.42
C LEU B 176 24.81 -24.35 23.02
N ASP B 177 23.73 -24.79 22.36
CA ASP B 177 23.44 -24.37 20.98
C ASP B 177 23.21 -22.87 20.82
N TYR B 178 22.80 -22.24 21.91
CA TYR B 178 22.44 -20.82 21.96
C TYR B 178 23.57 -19.90 22.47
N LEU B 179 24.66 -20.46 22.97
CA LEU B 179 25.64 -19.62 23.69
C LEU B 179 26.26 -18.59 22.72
N PRO B 180 26.26 -17.31 23.11
CA PRO B 180 27.00 -16.28 22.34
C PRO B 180 28.48 -16.63 22.40
N PRO B 181 29.27 -16.24 21.37
CA PRO B 181 30.72 -16.50 21.41
C PRO B 181 31.40 -16.01 22.69
N GLU B 182 31.02 -14.81 23.18
CA GLU B 182 31.64 -14.31 24.38
C GLU B 182 31.33 -15.13 25.63
N MET B 183 30.15 -15.77 25.67
CA MET B 183 29.82 -16.72 26.76
C MET B 183 30.72 -17.95 26.70
N ILE B 184 30.70 -18.60 25.54
CA ILE B 184 31.44 -19.86 25.36
C ILE B 184 32.96 -19.64 25.46
N GLU B 185 33.44 -18.45 25.10
CA GLU B 185 34.88 -18.13 25.23
C GLU B 185 35.31 -17.64 26.63
N GLY B 186 34.33 -17.44 27.52
CA GLY B 186 34.59 -17.05 28.91
C GLY B 186 34.89 -15.59 29.13
N LYS B 187 34.39 -14.74 28.24
CA LYS B 187 34.69 -13.32 28.31
C LYS B 187 33.58 -12.62 29.08
N THR B 188 33.87 -11.42 29.61
CA THR B 188 32.86 -10.62 30.28
C THR B 188 31.77 -10.32 29.25
N HIS B 189 30.53 -10.44 29.68
CA HIS B 189 29.39 -10.24 28.78
C HIS B 189 28.50 -9.13 29.27
N ASP B 190 27.63 -8.66 28.38
CA ASP B 190 26.66 -7.63 28.69
C ASP B 190 25.30 -8.04 28.16
N GLU B 191 24.37 -7.09 28.13
CA GLU B 191 23.03 -7.35 27.69
C GLU B 191 22.92 -7.84 26.22
N LYS B 192 23.97 -7.63 25.43
CA LYS B 192 23.95 -8.08 24.03
C LYS B 192 24.01 -9.57 23.86
N VAL B 193 24.31 -10.33 24.92
CA VAL B 193 24.12 -11.79 24.88
C VAL B 193 22.70 -12.13 24.45
N ASP B 194 21.70 -11.31 24.86
CA ASP B 194 20.29 -11.60 24.49
C ASP B 194 19.97 -11.34 23.00
N LEU B 195 20.68 -10.40 22.38
CA LEU B 195 20.50 -10.11 20.96
C LEU B 195 21.01 -11.32 20.15
N TRP B 196 22.16 -11.87 20.54
CA TRP B 196 22.66 -13.07 19.87
C TRP B 196 21.67 -14.23 20.01
N CYS B 197 21.16 -14.49 21.23
CA CYS B 197 20.23 -15.59 21.44
C CYS B 197 18.92 -15.36 20.66
N ALA B 198 18.51 -14.10 20.54
CA ALA B 198 17.36 -13.80 19.67
C ALA B 198 17.62 -14.21 18.23
N GLY B 199 18.84 -13.96 17.75
CA GLY B 199 19.14 -14.42 16.37
C GLY B 199 19.06 -15.93 16.20
N VAL B 200 19.62 -16.64 17.17
CA VAL B 200 19.64 -18.11 17.15
C VAL B 200 18.19 -18.59 17.20
N LEU B 201 17.40 -17.98 18.08
CA LEU B 201 15.96 -18.31 18.17
C LEU B 201 15.26 -18.15 16.86
N CYS B 202 15.53 -17.03 16.19
CA CYS B 202 14.83 -16.73 14.94
C CYS B 202 15.16 -17.81 13.89
N TYR B 203 16.44 -18.19 13.84
CA TYR B 203 16.91 -19.23 12.90
C TYR B 203 16.22 -20.55 13.20
N GLU B 204 16.16 -20.90 14.47
CA GLU B 204 15.55 -22.19 14.86
C GLU B 204 14.05 -22.23 14.57
N PHE B 205 13.36 -21.11 14.82
CA PHE B 205 11.95 -21.03 14.47
C PHE B 205 11.74 -21.38 12.99
N LEU B 206 12.53 -20.75 12.13
CA LEU B 206 12.32 -20.85 10.71
C LEU B 206 12.94 -22.08 10.10
N VAL B 207 13.98 -22.60 10.75
CA VAL B 207 14.73 -23.72 10.17
C VAL B 207 14.31 -25.09 10.78
N GLY B 208 14.01 -25.10 12.08
CA GLY B 208 13.61 -26.34 12.77
C GLY B 208 14.78 -26.99 13.51
N MET B 209 15.97 -26.40 13.37
CA MET B 209 17.17 -26.82 14.08
C MET B 209 18.02 -25.56 14.40
N PRO B 210 18.77 -25.57 15.53
CA PRO B 210 19.72 -24.48 15.78
C PRO B 210 20.86 -24.39 14.73
N PRO B 211 21.44 -23.20 14.55
CA PRO B 211 22.28 -23.02 13.37
C PRO B 211 23.64 -23.70 13.48
N PHE B 212 24.09 -24.03 14.69
CA PHE B 212 25.48 -24.54 14.86
C PHE B 212 25.48 -25.98 15.35
N ASP B 213 24.35 -26.64 15.14
CA ASP B 213 24.17 -28.03 15.55
C ASP B 213 25.26 -28.87 14.87
N SER B 214 25.82 -29.78 15.66
CA SER B 214 26.88 -30.64 15.18
C SER B 214 26.99 -31.89 16.07
N PRO B 215 27.60 -32.98 15.55
CA PRO B 215 27.66 -34.18 16.45
C PRO B 215 28.56 -33.96 17.70
N SER B 216 29.65 -33.23 17.53
CA SER B 216 30.57 -33.07 18.66
C SER B 216 30.48 -31.70 19.27
N HIS B 217 30.89 -31.62 20.53
CA HIS B 217 31.00 -30.34 21.19
C HIS B 217 32.04 -29.46 20.53
N THR B 218 33.21 -30.00 20.21
CA THR B 218 34.30 -29.16 19.71
C THR B 218 33.85 -28.50 18.39
N GLU B 219 33.09 -29.26 17.58
CA GLU B 219 32.58 -28.72 16.32
C GLU B 219 31.55 -27.60 16.59
N THR B 220 30.59 -27.83 17.48
CA THR B 220 29.62 -26.77 17.83
C THR B 220 30.35 -25.55 18.37
N HIS B 221 31.34 -25.76 19.25
CA HIS B 221 32.14 -24.65 19.75
C HIS B 221 32.77 -23.84 18.61
N ARG B 222 33.38 -24.55 17.66
CA ARG B 222 34.09 -23.97 16.53
C ARG B 222 33.13 -23.17 15.64
N ARG B 223 31.99 -23.75 15.33
CA ARG B 223 30.98 -23.10 14.50
C ARG B 223 30.42 -21.85 15.17
N ILE B 224 30.18 -21.92 16.48
CA ILE B 224 29.76 -20.73 17.23
C ILE B 224 30.79 -19.58 17.16
N VAL B 225 32.03 -19.84 17.56
CA VAL B 225 33.00 -18.75 17.60
C VAL B 225 33.42 -18.22 16.21
N ASN B 226 33.28 -19.05 15.18
CA ASN B 226 33.53 -18.61 13.80
C ASN B 226 32.26 -18.20 13.07
N VAL B 227 31.14 -18.19 13.81
CA VAL B 227 29.83 -17.81 13.27
C VAL B 227 29.60 -18.51 11.90
N ASP B 228 29.68 -19.83 11.94
CA ASP B 228 29.71 -20.61 10.73
C ASP B 228 28.29 -20.87 10.29
N LEU B 229 27.59 -19.84 9.76
CA LEU B 229 26.20 -20.03 9.33
C LEU B 229 26.04 -20.72 7.99
N LYS B 230 25.13 -21.68 7.92
CA LYS B 230 24.80 -22.29 6.62
C LYS B 230 23.29 -22.22 6.48
N PHE B 231 22.79 -21.06 6.04
CA PHE B 231 21.35 -20.87 5.87
C PHE B 231 20.77 -21.88 4.85
N PRO B 232 19.69 -22.59 5.20
CA PRO B 232 19.01 -23.41 4.20
C PRO B 232 18.50 -22.54 3.06
N PRO B 233 18.46 -23.10 1.83
CA PRO B 233 17.94 -22.41 0.66
C PRO B 233 16.45 -22.04 0.75
N PHE B 234 15.72 -22.64 1.68
CA PHE B 234 14.29 -22.33 1.79
C PHE B 234 13.97 -21.04 2.58
N LEU B 235 14.99 -20.43 3.19
CA LEU B 235 14.80 -19.16 3.91
C LEU B 235 14.68 -17.97 2.96
N SER B 236 13.77 -17.03 3.26
CA SER B 236 13.66 -15.81 2.44
C SER B 236 14.84 -14.91 2.70
N ASP B 237 15.04 -13.96 1.79
CA ASP B 237 16.11 -12.95 1.95
C ASP B 237 15.90 -12.08 3.20
N GLY B 238 14.65 -11.73 3.51
CA GLY B 238 14.36 -10.86 4.67
C GLY B 238 14.79 -11.53 5.98
N SER B 239 14.46 -12.80 6.12
CA SER B 239 14.76 -13.51 7.36
C SER B 239 16.26 -13.69 7.49
N LYS B 240 16.92 -14.01 6.38
CA LYS B 240 18.39 -14.21 6.45
C LYS B 240 19.07 -12.90 6.80
N ASP B 241 18.52 -11.81 6.25
CA ASP B 241 19.08 -10.51 6.56
C ASP B 241 19.04 -10.26 8.09
N LEU B 242 17.85 -10.42 8.71
CA LEU B 242 17.68 -10.19 10.13
C LEU B 242 18.62 -11.07 10.97
N ILE B 243 18.62 -12.38 10.70
CA ILE B 243 19.49 -13.31 11.43
C ILE B 243 20.96 -12.92 11.28
N SER B 244 21.40 -12.60 10.06
N SER B 244 21.38 -12.60 10.05
CA SER B 244 22.82 -12.27 9.82
CA SER B 244 22.78 -12.26 9.80
C SER B 244 23.20 -10.95 10.49
C SER B 244 23.16 -11.03 10.61
N LYS B 245 22.20 -10.15 10.87
CA LYS B 245 22.48 -8.91 11.59
C LYS B 245 22.51 -9.09 13.10
N LEU B 246 21.87 -10.16 13.57
CA LEU B 246 21.87 -10.45 15.01
C LEU B 246 23.07 -11.30 15.43
N LEU B 247 23.45 -12.23 14.56
CA LEU B 247 24.50 -13.20 14.96
C LEU B 247 25.85 -12.66 14.52
N ARG B 248 26.32 -11.62 15.20
CA ARG B 248 27.59 -11.05 14.89
C ARG B 248 28.50 -11.44 16.01
N TYR B 249 29.71 -11.86 15.67
CA TYR B 249 30.70 -12.18 16.71
C TYR B 249 30.91 -11.03 17.70
N HIS B 250 31.15 -9.84 17.18
CA HIS B 250 31.46 -8.65 17.99
C HIS B 250 30.12 -8.11 18.53
N PRO B 251 29.92 -8.17 19.86
CA PRO B 251 28.63 -7.77 20.42
C PRO B 251 28.10 -6.42 19.97
N PRO B 252 28.93 -5.32 19.99
CA PRO B 252 28.36 -4.00 19.62
C PRO B 252 27.86 -3.86 18.17
N GLN B 253 28.24 -4.82 17.30
CA GLN B 253 27.67 -4.85 15.94
C GLN B 253 26.27 -5.40 15.79
N ARG B 254 25.79 -6.12 16.79
CA ARG B 254 24.49 -6.78 16.75
C ARG B 254 23.36 -5.76 16.58
N LEU B 255 22.40 -6.07 15.70
CA LEU B 255 21.25 -5.19 15.49
C LEU B 255 20.56 -4.91 16.82
N PRO B 256 20.36 -3.61 17.19
CA PRO B 256 19.67 -3.38 18.46
C PRO B 256 18.26 -3.96 18.45
N LEU B 257 17.68 -4.22 19.61
CA LEU B 257 16.24 -4.69 19.68
C LEU B 257 15.23 -3.77 18.97
N LYS B 258 15.47 -2.46 19.01
CA LYS B 258 14.61 -1.56 18.24
C LYS B 258 14.75 -1.79 16.76
N GLY B 259 15.95 -2.09 16.30
CA GLY B 259 16.12 -2.38 14.87
C GLY B 259 15.49 -3.70 14.47
N VAL B 260 15.37 -4.64 15.42
CA VAL B 260 14.70 -5.92 15.16
C VAL B 260 13.18 -5.61 14.96
N MET B 261 12.62 -4.81 15.88
CA MET B 261 11.16 -4.45 15.77
C MET B 261 10.82 -3.65 14.49
N GLU B 262 11.76 -2.83 14.02
CA GLU B 262 11.62 -2.05 12.80
C GLU B 262 12.14 -2.74 11.54
N HIS B 263 12.75 -3.93 11.69
CA HIS B 263 13.28 -4.63 10.52
C HIS B 263 12.18 -4.88 9.49
N PRO B 264 12.46 -4.62 8.19
CA PRO B 264 11.36 -4.71 7.23
C PRO B 264 10.74 -6.10 7.09
N TRP B 265 11.49 -7.17 7.38
CA TRP B 265 10.90 -8.53 7.40
C TRP B 265 9.94 -8.70 8.60
N VAL B 266 10.29 -8.09 9.73
CA VAL B 266 9.43 -8.15 10.88
C VAL B 266 8.17 -7.32 10.65
N LYS B 267 8.32 -6.10 10.15
CA LYS B 267 7.15 -5.26 9.84
C LYS B 267 6.22 -5.87 8.82
N ALA B 268 6.76 -6.48 7.77
CA ALA B 268 5.93 -7.02 6.69
C ALA B 268 5.22 -8.30 7.14
N ASN B 269 5.81 -9.04 8.07
CA ASN B 269 5.25 -10.33 8.43
C ASN B 269 4.59 -10.49 9.79
N SER B 270 4.87 -9.59 10.72
CA SER B 270 4.34 -9.76 12.08
C SER B 270 2.81 -9.59 12.04
N ARG B 271 2.11 -10.40 12.83
CA ARG B 271 0.67 -10.31 13.03
C ARG B 271 0.39 -10.22 14.54
N ARG B 272 1.25 -9.50 15.25
CA ARG B 272 1.23 -9.48 16.70
C ARG B 272 -0.10 -8.90 17.19
N VAL B 273 -0.65 -9.50 18.24
CA VAL B 273 -1.80 -8.90 18.95
C VAL B 273 -1.38 -8.54 20.33
N LEU B 274 -1.90 -7.43 20.88
CA LEU B 274 -1.65 -7.17 22.30
C LEU B 274 -2.82 -7.71 23.10
N PRO B 275 -2.56 -8.26 24.30
CA PRO B 275 -3.68 -8.76 25.10
C PRO B 275 -4.69 -7.62 25.40
N PRO B 276 -5.98 -7.98 25.50
CA PRO B 276 -6.99 -6.95 25.62
C PRO B 276 -6.81 -6.07 26.81
N VAL B 277 -7.26 -4.83 26.66
CA VAL B 277 -7.38 -3.88 27.76
C VAL B 277 -8.75 -4.06 28.45
N TYR B 278 -9.00 -3.18 29.41
CA TYR B 278 -10.30 -2.99 30.08
C TYR B 278 -10.03 -3.14 31.55
N ILE C 2 -10.01 -33.55 37.81
CA ILE C 2 -11.19 -33.75 38.71
C ILE C 2 -11.99 -32.45 38.77
N PRO C 3 -11.50 -31.38 39.47
CA PRO C 3 -12.45 -30.29 39.72
C PRO C 3 -13.09 -29.75 38.43
N ALA C 4 -14.41 -29.63 38.44
CA ALA C 4 -15.19 -29.16 37.30
C ALA C 4 -14.66 -27.89 36.59
N TRP C 5 -14.28 -26.86 37.35
CA TRP C 5 -13.80 -25.62 36.75
C TRP C 5 -12.52 -25.86 35.94
N ALA C 6 -11.78 -26.90 36.32
CA ALA C 6 -10.50 -27.27 35.70
C ALA C 6 -10.63 -28.26 34.51
N SER C 7 -11.82 -28.84 34.32
CA SER C 7 -12.04 -29.81 33.23
C SER C 7 -11.91 -29.12 31.87
N GLY C 8 -11.31 -29.79 30.88
CA GLY C 8 -11.04 -29.20 29.56
C GLY C 8 -12.10 -28.25 29.02
N ASN C 9 -13.34 -28.71 28.92
CA ASN C 9 -14.41 -27.90 28.32
C ASN C 9 -14.80 -26.66 29.12
N LEU C 10 -14.91 -26.77 30.43
CA LEU C 10 -15.19 -25.59 31.26
C LEU C 10 -14.00 -24.63 31.26
N LEU C 11 -12.80 -25.20 31.31
CA LEU C 11 -11.59 -24.39 31.34
C LEU C 11 -11.47 -23.44 30.15
N THR C 12 -11.69 -23.92 28.92
CA THR C 12 -11.53 -23.11 27.69
CA THR C 12 -11.48 -23.08 27.73
C THR C 12 -12.39 -21.86 27.70
N GLN C 13 -13.63 -22.03 28.17
CA GLN C 13 -14.57 -20.92 28.18
C GLN C 13 -14.21 -19.97 29.29
N ALA C 14 -13.82 -20.47 30.46
CA ALA C 14 -13.44 -19.54 31.54
C ALA C 14 -12.17 -18.74 31.18
N ILE C 15 -11.21 -19.43 30.54
CA ILE C 15 -9.96 -18.78 30.10
C ILE C 15 -10.30 -17.72 29.08
N ARG C 16 -11.18 -18.05 28.14
CA ARG C 16 -11.57 -17.07 27.14
C ARG C 16 -12.17 -15.80 27.77
N GLN C 17 -13.06 -15.95 28.76
CA GLN C 17 -13.72 -14.76 29.33
C GLN C 17 -12.72 -13.93 30.10
N GLN C 18 -11.82 -14.65 30.79
CA GLN C 18 -10.80 -13.99 31.58
C GLN C 18 -9.86 -13.20 30.68
N TYR C 19 -9.52 -13.76 29.53
CA TYR C 19 -8.72 -13.06 28.52
C TYR C 19 -9.34 -11.78 28.00
N TYR C 20 -10.62 -11.86 27.61
CA TYR C 20 -11.32 -10.68 27.07
C TYR C 20 -11.85 -9.71 28.15
N LYS C 21 -12.03 -10.18 29.38
CA LYS C 21 -12.43 -9.31 30.50
C LYS C 21 -11.40 -9.41 31.62
N PRO C 22 -10.19 -8.87 31.39
CA PRO C 22 -9.15 -9.00 32.42
C PRO C 22 -9.51 -8.19 33.66
N ILE C 23 -9.03 -8.62 34.80
CA ILE C 23 -9.14 -7.80 35.97
C ILE C 23 -7.80 -7.09 36.14
N ASP C 24 -7.77 -6.07 36.99
CA ASP C 24 -6.54 -5.35 37.25
C ASP C 24 -5.72 -6.14 38.26
N VAL C 25 -4.84 -6.98 37.75
CA VAL C 25 -4.01 -7.85 38.58
C VAL C 25 -3.01 -7.05 39.41
N ASP C 26 -2.57 -5.91 38.85
CA ASP C 26 -1.69 -4.98 39.55
C ASP C 26 -2.34 -4.54 40.84
N ARG C 27 -3.59 -4.11 40.79
CA ARG C 27 -4.22 -3.75 42.04
C ARG C 27 -4.66 -4.93 42.90
N MET C 28 -5.18 -6.00 42.28
CA MET C 28 -5.70 -7.11 43.05
C MET C 28 -4.62 -7.97 43.69
N TYR C 29 -3.46 -8.10 43.05
CA TYR C 29 -2.41 -9.02 43.53
C TYR C 29 -1.07 -8.31 43.75
N GLY C 30 -0.77 -7.36 42.88
CA GLY C 30 0.47 -6.65 42.91
C GLY C 30 0.64 -5.76 44.13
N THR C 31 -0.46 -5.18 44.62
CA THR C 31 -0.43 -4.33 45.83
C THR C 31 -0.35 -5.10 47.18
N ILE C 32 -0.73 -6.38 47.18
CA ILE C 32 -0.75 -7.19 48.39
C ILE C 32 0.70 -7.48 48.87
N ASP C 33 0.91 -7.46 50.18
CA ASP C 33 2.24 -7.70 50.77
C ASP C 33 2.81 -9.09 50.40
N SER C 34 4.12 -9.19 50.45
CA SER C 34 4.83 -10.45 50.17
C SER C 34 5.80 -10.73 51.34
N PRO C 35 6.10 -12.00 51.61
CA PRO C 35 7.16 -12.26 52.58
C PRO C 35 8.47 -11.66 52.09
N LYS C 36 9.31 -11.22 53.03
CA LYS C 36 10.64 -10.73 52.69
C LYS C 36 11.44 -11.89 52.12
N LEU C 37 12.30 -11.61 51.14
CA LEU C 37 13.07 -12.69 50.52
C LEU C 37 13.95 -13.40 51.54
N GLU C 38 14.53 -12.61 52.46
CA GLU C 38 15.35 -13.16 53.55
C GLU C 38 14.54 -14.20 54.31
N GLU C 39 13.26 -13.89 54.56
CA GLU C 39 12.35 -14.76 55.32
C GLU C 39 12.10 -16.12 54.67
N LEU C 40 12.28 -16.19 53.35
CA LEU C 40 11.96 -17.41 52.59
C LEU C 40 12.90 -18.58 52.84
N PHE C 41 14.18 -18.28 53.08
CA PHE C 41 15.20 -19.33 53.16
C PHE C 41 15.87 -19.42 54.54
N ILE D 2 -10.58 -2.76 -51.13
CA ILE D 2 -11.08 -2.83 -49.71
C ILE D 2 -11.35 -4.28 -49.33
N PRO D 3 -10.61 -4.80 -48.34
CA PRO D 3 -10.90 -6.17 -47.90
C PRO D 3 -12.25 -6.22 -47.18
N ALA D 4 -12.79 -7.42 -47.00
CA ALA D 4 -14.14 -7.62 -46.44
C ALA D 4 -14.31 -7.07 -45.02
N TRP D 5 -13.34 -7.37 -44.15
CA TRP D 5 -13.40 -6.94 -42.75
C TRP D 5 -13.64 -5.43 -42.63
N ALA D 6 -13.34 -4.68 -43.67
CA ALA D 6 -13.29 -3.23 -43.57
C ALA D 6 -14.48 -2.46 -44.14
N SER D 7 -15.58 -3.15 -44.41
CA SER D 7 -16.75 -2.50 -45.00
C SER D 7 -18.06 -3.13 -44.56
N GLY D 8 -19.13 -2.33 -44.67
CA GLY D 8 -20.47 -2.78 -44.36
C GLY D 8 -20.52 -3.59 -43.08
N ASN D 9 -21.07 -4.79 -43.20
CA ASN D 9 -21.53 -5.52 -42.02
C ASN D 9 -20.45 -6.19 -41.19
N LEU D 10 -19.45 -6.77 -41.86
CA LEU D 10 -18.30 -7.36 -41.16
C LEU D 10 -17.61 -6.33 -40.25
N LEU D 11 -17.45 -5.11 -40.77
CA LEU D 11 -16.92 -4.01 -39.97
C LEU D 11 -17.78 -3.63 -38.76
N THR D 12 -19.05 -3.26 -38.97
CA THR D 12 -19.94 -2.88 -37.84
C THR D 12 -19.92 -3.98 -36.78
N GLN D 13 -20.13 -5.21 -37.24
CA GLN D 13 -20.04 -6.34 -36.35
C GLN D 13 -18.75 -6.31 -35.53
N ALA D 14 -17.61 -6.01 -36.19
CA ALA D 14 -16.30 -6.11 -35.49
C ALA D 14 -16.14 -4.94 -34.53
N ILE D 15 -16.64 -3.78 -34.95
CA ILE D 15 -16.66 -2.56 -34.09
C ILE D 15 -17.52 -2.78 -32.83
N ARG D 16 -18.74 -3.28 -33.01
CA ARG D 16 -19.57 -3.60 -31.83
C ARG D 16 -18.88 -4.55 -30.84
N GLN D 17 -18.25 -5.61 -31.35
CA GLN D 17 -17.54 -6.58 -30.49
C GLN D 17 -16.44 -5.96 -29.67
N GLN D 18 -15.70 -5.06 -30.32
CA GLN D 18 -14.59 -4.37 -29.69
C GLN D 18 -15.05 -3.42 -28.57
N TYR D 19 -16.17 -2.75 -28.80
CA TYR D 19 -16.77 -1.80 -27.84
C TYR D 19 -17.22 -2.45 -26.53
N TYR D 20 -18.00 -3.53 -26.65
CA TYR D 20 -18.54 -4.32 -25.51
C TYR D 20 -17.54 -5.31 -24.90
N LYS D 21 -16.61 -5.81 -25.71
CA LYS D 21 -15.52 -6.63 -25.15
C LYS D 21 -14.15 -5.98 -25.35
N PRO D 22 -13.87 -4.87 -24.63
CA PRO D 22 -12.59 -4.18 -24.82
C PRO D 22 -11.41 -5.03 -24.33
N ILE D 23 -10.26 -4.89 -24.97
CA ILE D 23 -9.02 -5.53 -24.44
C ILE D 23 -8.21 -4.59 -23.52
N ASP D 24 -7.22 -5.14 -22.85
CA ASP D 24 -6.32 -4.38 -22.00
C ASP D 24 -5.27 -3.70 -22.90
N VAL D 25 -5.69 -2.60 -23.55
CA VAL D 25 -4.87 -1.89 -24.55
C VAL D 25 -3.57 -1.40 -23.94
N ASP D 26 -3.66 -1.07 -22.66
CA ASP D 26 -2.53 -0.67 -21.84
C ASP D 26 -1.51 -1.80 -21.73
N ARG D 27 -1.98 -3.03 -21.55
CA ARG D 27 -1.08 -4.18 -21.52
C ARG D 27 -0.63 -4.57 -22.92
N MET D 28 -1.58 -4.66 -23.85
CA MET D 28 -1.28 -5.15 -25.20
C MET D 28 -0.39 -4.20 -26.03
N TYR D 29 -0.57 -2.89 -25.84
CA TYR D 29 0.09 -1.89 -26.69
C TYR D 29 1.01 -0.99 -25.88
N GLY D 30 0.57 -0.61 -24.68
CA GLY D 30 1.30 0.30 -23.81
C GLY D 30 2.50 -0.26 -23.08
N THR D 31 2.63 -1.59 -23.07
CA THR D 31 3.85 -2.24 -22.56
C THR D 31 4.86 -2.43 -23.70
N ILE D 32 4.43 -2.31 -24.94
CA ILE D 32 5.36 -2.48 -26.06
C ILE D 32 6.27 -1.27 -26.26
N ASP D 33 7.52 -1.56 -26.60
CA ASP D 33 8.51 -0.55 -26.94
C ASP D 33 7.98 0.43 -27.97
N SER D 34 8.45 1.67 -27.86
CA SER D 34 8.19 2.72 -28.84
C SER D 34 9.52 3.38 -29.14
N PRO D 35 9.72 3.90 -30.37
CA PRO D 35 10.95 4.68 -30.61
C PRO D 35 11.02 5.90 -29.69
N LYS D 36 12.23 6.35 -29.37
CA LYS D 36 12.39 7.57 -28.61
C LYS D 36 11.98 8.72 -29.49
N LEU D 37 11.33 9.73 -28.91
CA LEU D 37 10.83 10.86 -29.68
C LEU D 37 11.96 11.56 -30.44
N GLU D 38 13.15 11.52 -29.85
CA GLU D 38 14.37 12.00 -30.46
C GLU D 38 14.81 11.20 -31.68
N GLU D 39 14.41 9.94 -31.77
CA GLU D 39 14.83 9.06 -32.86
C GLU D 39 13.88 9.10 -34.07
N LEU D 40 12.70 9.71 -33.90
CA LEU D 40 11.64 9.67 -34.91
C LEU D 40 12.05 10.18 -36.29
N PHE D 41 12.90 11.20 -36.32
CA PHE D 41 13.41 11.72 -37.59
C PHE D 41 14.81 11.22 -37.95
N ASN D 42 15.24 10.17 -37.24
CA ASN D 42 16.52 9.51 -37.43
C ASN D 42 16.38 8.18 -38.15
N LYS D 43 17.50 7.46 -38.28
CA LYS D 43 17.54 6.13 -38.92
C LYS D 43 16.59 5.16 -38.24
N SER D 44 15.84 4.40 -39.03
CA SER D 44 14.94 3.37 -38.48
C SER D 44 15.64 2.03 -38.27
#